data_3FYN
#
_entry.id   3FYN
#
_cell.length_a   57.827
_cell.length_b   62.374
_cell.length_c   37.247
_cell.angle_alpha   90.000
_cell.angle_beta   90.000
_cell.angle_gamma   90.000
#
_symmetry.space_group_name_H-M   'P 21 21 2'
#
loop_
_entity.id
_entity.type
_entity.pdbx_description
1 polymer 'Integron gene cassette protein HFX_CASS3'
2 non-polymer 'MAGNESIUM ION'
3 non-polymer 'ACETATE ION'
4 water water
#
_entity_poly.entity_id   1
_entity_poly.type   'polypeptide(L)'
_entity_poly.pdbx_seq_one_letter_code
;(MSE)GSSHHHHHHSSGRENLYFQGLSPQVRTAHIGDVPVLVRL(MSE)SEFYQEAGFALPHDAAIRAFKALLGKPDLGR
IWLIAEGTESVGYIVLTLGFS(MSE)EYGGLRGFVDDFFVRPNARGKGLGAAALQTVKQGCCDLGVRALLVETGPEDHPA
RGVYSRAGFEESGR(MSE)LLGQALAPPIHEA
;
_entity_poly.pdbx_strand_id   A
#
# COMPACT_ATOMS: atom_id res chain seq x y z
N ASN A 16 -3.57 2.90 -25.49
CA ASN A 16 -4.02 4.18 -24.94
C ASN A 16 -2.85 5.02 -24.41
N LEU A 17 -3.03 6.34 -24.44
CA LEU A 17 -1.97 7.27 -24.04
C LEU A 17 -1.91 7.45 -22.53
N TYR A 18 -0.77 7.95 -22.06
CA TYR A 18 -0.50 8.07 -20.63
C TYR A 18 -1.60 8.87 -19.90
N PHE A 19 -1.96 10.03 -20.46
CA PHE A 19 -2.93 10.90 -19.81
C PHE A 19 -4.31 10.27 -19.76
N GLN A 20 -4.54 9.30 -20.63
CA GLN A 20 -5.83 8.61 -20.72
C GLN A 20 -5.91 7.48 -19.70
N GLY A 21 -4.76 7.08 -19.17
CA GLY A 21 -4.67 5.97 -18.24
C GLY A 21 -4.81 6.40 -16.80
N LEU A 22 -4.50 5.49 -15.88
CA LEU A 22 -4.73 5.74 -14.47
C LEU A 22 -3.47 6.01 -13.66
N SER A 23 -2.30 5.93 -14.29
N SER A 23 -2.30 5.95 -14.30
CA SER A 23 -1.05 6.20 -13.60
CA SER A 23 -1.05 6.20 -13.58
C SER A 23 -1.00 7.58 -12.92
C SER A 23 -0.97 7.58 -12.93
N PRO A 24 -1.50 8.63 -13.59
CA PRO A 24 -1.48 9.93 -12.89
C PRO A 24 -2.38 9.95 -11.66
N GLN A 25 -3.24 8.94 -11.51
CA GLN A 25 -4.18 8.90 -10.39
C GLN A 25 -3.54 8.39 -9.10
N VAL A 26 -2.31 7.88 -9.19
CA VAL A 26 -1.64 7.38 -8.00
C VAL A 26 -0.55 8.38 -7.60
N ARG A 27 -0.71 8.98 -6.42
CA ARG A 27 0.16 10.09 -6.01
C ARG A 27 0.82 9.82 -4.67
N THR A 28 1.99 10.42 -4.47
CA THR A 28 2.68 10.26 -3.21
C THR A 28 1.87 10.88 -2.07
N ALA A 29 1.90 10.23 -0.91
CA ALA A 29 1.19 10.74 0.26
C ALA A 29 2.13 11.56 1.13
N HIS A 30 1.56 12.58 1.78
N HIS A 30 1.56 12.57 1.80
CA HIS A 30 2.32 13.44 2.68
CA HIS A 30 2.35 13.40 2.71
C HIS A 30 1.67 13.48 4.06
C HIS A 30 1.66 13.51 4.05
N ILE A 31 2.32 14.18 5.00
CA ILE A 31 1.83 14.24 6.37
C ILE A 31 0.38 14.74 6.47
N GLY A 32 0.01 15.67 5.60
CA GLY A 32 -1.33 16.23 5.62
C GLY A 32 -2.40 15.23 5.22
N ASP A 33 -1.97 14.10 4.67
CA ASP A 33 -2.89 13.06 4.23
C ASP A 33 -3.26 12.08 5.33
N VAL A 34 -2.65 12.23 6.50
CA VAL A 34 -2.87 11.25 7.58
C VAL A 34 -4.35 11.08 7.93
N PRO A 35 -5.10 12.18 8.07
CA PRO A 35 -6.52 11.95 8.39
C PRO A 35 -7.25 11.09 7.35
N VAL A 36 -7.00 11.31 6.07
CA VAL A 36 -7.63 10.50 5.04
C VAL A 36 -7.09 9.07 5.03
N LEU A 37 -5.79 8.91 5.25
CA LEU A 37 -5.20 7.56 5.33
C LEU A 37 -5.82 6.75 6.46
N VAL A 38 -6.02 7.40 7.60
CA VAL A 38 -6.63 6.75 8.74
C VAL A 38 -8.08 6.32 8.45
N ARG A 39 -8.84 7.19 7.80
N ARG A 39 -8.84 7.19 7.80
CA ARG A 39 -10.20 6.83 7.42
CA ARG A 39 -10.21 6.84 7.42
C ARG A 39 -10.21 5.63 6.47
C ARG A 39 -10.24 5.67 6.44
N LEU A 40 -9.33 5.67 5.48
CA LEU A 40 -9.28 4.58 4.51
C LEU A 40 -8.88 3.27 5.18
N SER A 42 -9.34 2.53 8.24
N SER A 42 -9.33 2.54 8.24
CA SER A 42 -10.47 2.17 9.08
CA SER A 42 -10.46 2.19 9.08
C SER A 42 -11.55 1.46 8.27
C SER A 42 -11.52 1.45 8.25
N GLU A 43 -11.77 1.95 7.05
CA GLU A 43 -12.76 1.32 6.17
C GLU A 43 -12.29 -0.08 5.78
N PHE A 44 -11.01 -0.18 5.43
CA PHE A 44 -10.36 -1.43 5.07
C PHE A 44 -10.54 -2.45 6.20
N TYR A 45 -10.28 -2.02 7.42
CA TYR A 45 -10.45 -2.88 8.58
C TYR A 45 -11.90 -3.23 8.88
N GLN A 46 -12.80 -2.27 8.72
N GLN A 46 -12.80 -2.26 8.74
CA GLN A 46 -14.21 -2.52 8.98
CA GLN A 46 -14.21 -2.51 8.97
C GLN A 46 -14.76 -3.57 8.01
C GLN A 46 -14.75 -3.56 8.01
N GLU A 47 -14.27 -3.53 6.78
CA GLU A 47 -14.70 -4.49 5.76
C GLU A 47 -14.33 -5.91 6.16
N ALA A 48 -13.26 -6.04 6.95
CA ALA A 48 -12.82 -7.34 7.43
C ALA A 48 -13.45 -7.67 8.77
N GLY A 49 -14.23 -6.73 9.31
CA GLY A 49 -14.93 -6.95 10.57
C GLY A 49 -14.12 -6.53 11.79
N PHE A 50 -13.09 -5.71 11.58
CA PHE A 50 -12.24 -5.27 12.66
C PHE A 50 -12.45 -3.79 12.99
N ALA A 51 -12.24 -3.45 14.26
CA ALA A 51 -12.25 -2.05 14.68
C ALA A 51 -10.81 -1.60 14.76
N LEU A 52 -10.54 -0.42 14.20
CA LEU A 52 -9.18 0.11 14.16
C LEU A 52 -9.07 1.31 15.09
N PRO A 53 -8.25 1.20 16.13
CA PRO A 53 -8.01 2.34 17.03
C PRO A 53 -7.38 3.51 16.28
N HIS A 54 -8.01 4.68 16.44
N HIS A 54 -7.97 4.70 16.41
CA HIS A 54 -7.59 5.91 15.79
CA HIS A 54 -7.48 5.84 15.64
C HIS A 54 -6.14 6.26 16.07
C HIS A 54 -6.09 6.33 16.05
N ASP A 55 -5.78 6.28 17.35
CA ASP A 55 -4.44 6.63 17.80
C ASP A 55 -3.38 5.74 17.17
N ALA A 56 -3.62 4.43 17.17
CA ALA A 56 -2.66 3.47 16.64
C ALA A 56 -2.44 3.68 15.14
N ALA A 57 -3.51 3.96 14.43
CA ALA A 57 -3.43 4.22 12.99
C ALA A 57 -2.62 5.48 12.71
N ILE A 58 -2.93 6.55 13.44
CA ILE A 58 -2.19 7.80 13.30
C ILE A 58 -0.71 7.57 13.56
N ARG A 59 -0.41 6.89 14.65
CA ARG A 59 0.96 6.59 15.02
C ARG A 59 1.71 5.87 13.90
N ALA A 60 1.08 4.85 13.33
CA ALA A 60 1.70 4.04 12.31
C ALA A 60 1.98 4.83 11.03
N PHE A 61 0.99 5.57 10.55
CA PHE A 61 1.18 6.34 9.32
C PHE A 61 2.22 7.43 9.53
N LYS A 62 2.19 8.07 10.68
CA LYS A 62 3.16 9.13 10.96
C LYS A 62 4.57 8.56 11.05
N ALA A 63 4.71 7.39 11.65
CA ALA A 63 6.01 6.75 11.76
C ALA A 63 6.61 6.49 10.38
N LEU A 64 5.80 5.94 9.49
CA LEU A 64 6.27 5.59 8.17
C LEU A 64 6.56 6.85 7.34
N LEU A 65 5.66 7.82 7.39
CA LEU A 65 5.85 9.07 6.65
C LEU A 65 7.04 9.87 7.17
N GLY A 66 7.39 9.66 8.45
CA GLY A 66 8.49 10.40 9.07
C GLY A 66 9.85 9.82 8.78
N LYS A 67 9.89 8.59 8.27
CA LYS A 67 11.17 7.92 8.02
C LYS A 67 11.13 7.19 6.68
N PRO A 68 11.47 7.91 5.60
CA PRO A 68 11.43 7.38 4.22
C PRO A 68 12.21 6.08 4.06
N ASP A 69 13.21 5.85 4.90
CA ASP A 69 13.97 4.60 4.83
C ASP A 69 13.07 3.41 5.08
N LEU A 70 11.97 3.63 5.77
CA LEU A 70 11.05 2.55 6.12
C LEU A 70 10.13 2.17 4.97
N GLY A 71 9.92 3.09 4.05
CA GLY A 71 9.02 2.82 2.95
C GLY A 71 8.29 4.05 2.46
N ARG A 72 7.20 3.83 1.73
CA ARG A 72 6.50 4.91 1.04
C ARG A 72 5.01 4.61 1.01
N ILE A 73 4.21 5.68 0.94
CA ILE A 73 2.76 5.53 0.84
C ILE A 73 2.27 6.34 -0.36
N TRP A 74 1.35 5.77 -1.13
CA TRP A 74 0.68 6.48 -2.22
C TRP A 74 -0.82 6.47 -1.98
N LEU A 75 -1.49 7.54 -2.41
CA LEU A 75 -2.94 7.61 -2.39
C LEU A 75 -3.45 7.43 -3.80
N ILE A 76 -4.64 6.85 -3.92
CA ILE A 76 -5.24 6.59 -5.20
C ILE A 76 -6.41 7.55 -5.35
N ALA A 77 -6.34 8.41 -6.36
CA ALA A 77 -7.28 9.51 -6.50
C ALA A 77 -8.32 9.26 -7.58
N GLU A 78 -9.53 9.73 -7.32
CA GLU A 78 -10.59 9.74 -8.31
C GLU A 78 -11.38 11.02 -8.08
N GLY A 79 -11.39 11.92 -9.06
CA GLY A 79 -12.04 13.21 -8.89
C GLY A 79 -11.43 14.01 -7.74
N THR A 80 -12.26 14.41 -6.79
CA THR A 80 -11.78 15.19 -5.65
C THR A 80 -11.53 14.35 -4.40
N GLU A 81 -11.50 13.03 -4.58
CA GLU A 81 -11.38 12.12 -3.45
C GLU A 81 -10.23 11.14 -3.59
N SER A 82 -9.63 10.79 -2.46
CA SER A 82 -8.79 9.62 -2.42
C SER A 82 -9.72 8.44 -2.18
N VAL A 83 -9.64 7.43 -3.03
CA VAL A 83 -10.51 6.27 -2.92
C VAL A 83 -9.74 5.00 -2.59
N GLY A 84 -8.45 5.14 -2.31
CA GLY A 84 -7.63 4.01 -1.94
C GLY A 84 -6.23 4.42 -1.57
N TYR A 85 -5.42 3.45 -1.14
CA TYR A 85 -4.02 3.72 -0.84
C TYR A 85 -3.22 2.44 -0.92
N ILE A 86 -1.91 2.61 -1.01
CA ILE A 86 -1.01 1.46 -1.04
C ILE A 86 0.26 1.81 -0.28
N VAL A 87 0.76 0.84 0.48
CA VAL A 87 1.91 1.05 1.32
C VAL A 87 3.04 0.11 0.92
N LEU A 88 4.20 0.69 0.67
CA LEU A 88 5.43 -0.07 0.42
C LEU A 88 6.31 -0.01 1.65
N THR A 89 6.72 -1.17 2.17
CA THR A 89 7.72 -1.18 3.23
C THR A 89 8.99 -1.85 2.74
N LEU A 90 10.12 -1.46 3.34
CA LEU A 90 11.44 -1.85 2.86
C LEU A 90 12.21 -2.60 3.93
N GLY A 91 12.98 -3.59 3.52
CA GLY A 91 13.81 -4.36 4.44
C GLY A 91 14.97 -5.00 3.71
N PHE A 92 16.05 -5.27 4.42
CA PHE A 92 17.19 -5.91 3.79
C PHE A 92 16.94 -7.39 3.52
N SER A 93 17.58 -7.89 2.46
CA SER A 93 17.44 -9.29 2.06
C SER A 93 18.82 -9.86 1.71
N GLU A 95 19.20 -12.78 0.50
CA GLU A 95 18.99 -13.52 -0.73
C GLU A 95 19.33 -12.66 -1.95
N TYR A 96 19.01 -11.37 -1.87
CA TYR A 96 19.25 -10.46 -2.98
C TYR A 96 20.43 -9.52 -2.78
N GLY A 97 21.00 -9.56 -1.58
CA GLY A 97 22.10 -8.67 -1.25
C GLY A 97 21.71 -7.21 -1.37
N GLY A 98 20.49 -6.90 -0.98
CA GLY A 98 20.02 -5.53 -1.02
C GLY A 98 18.61 -5.43 -0.47
N LEU A 99 17.98 -4.29 -0.67
CA LEU A 99 16.63 -4.10 -0.18
C LEU A 99 15.61 -4.92 -0.95
N ARG A 100 14.62 -5.44 -0.24
CA ARG A 100 13.43 -5.95 -0.87
C ARG A 100 12.27 -5.15 -0.34
N GLY A 101 11.17 -5.16 -1.07
CA GLY A 101 10.00 -4.41 -0.66
C GLY A 101 8.81 -5.30 -0.47
N PHE A 102 7.86 -4.82 0.34
CA PHE A 102 6.58 -5.49 0.52
C PHE A 102 5.46 -4.52 0.18
N VAL A 103 4.45 -5.02 -0.53
CA VAL A 103 3.17 -4.34 -0.61
C VAL A 103 2.48 -4.65 0.71
N ASP A 104 2.69 -3.78 1.68
CA ASP A 104 2.38 -4.07 3.08
C ASP A 104 0.91 -3.91 3.40
N ASP A 105 0.26 -2.95 2.73
CA ASP A 105 -1.19 -2.80 2.82
C ASP A 105 -1.66 -2.19 1.50
N PHE A 106 -2.89 -2.51 1.13
CA PHE A 106 -3.39 -2.16 -0.19
C PHE A 106 -4.91 -2.19 -0.12
N PHE A 107 -5.52 -1.04 -0.33
CA PHE A 107 -6.97 -0.92 -0.23
C PHE A 107 -7.52 0.00 -1.30
N VAL A 108 -8.55 -0.48 -2.00
CA VAL A 108 -9.34 0.35 -2.87
C VAL A 108 -10.79 0.24 -2.41
N ARG A 109 -11.47 1.38 -2.23
CA ARG A 109 -12.86 1.37 -1.80
C ARG A 109 -13.68 0.48 -2.72
N PRO A 110 -14.66 -0.25 -2.16
CA PRO A 110 -15.48 -1.17 -2.97
C PRO A 110 -16.01 -0.54 -4.25
N ASN A 111 -16.55 0.68 -4.16
CA ASN A 111 -17.15 1.36 -5.31
C ASN A 111 -16.13 1.75 -6.39
N ALA A 112 -14.86 1.72 -6.04
CA ALA A 112 -13.81 2.13 -6.97
C ALA A 112 -13.06 0.92 -7.54
N ARG A 113 -13.48 -0.28 -7.16
CA ARG A 113 -12.84 -1.50 -7.66
C ARG A 113 -13.30 -1.84 -9.07
N GLY A 114 -12.49 -2.62 -9.77
CA GLY A 114 -12.83 -3.07 -11.11
C GLY A 114 -12.67 -2.01 -12.18
N LYS A 115 -11.89 -0.97 -11.88
CA LYS A 115 -11.68 0.14 -12.82
C LYS A 115 -10.23 0.24 -13.26
N GLY A 116 -9.39 -0.68 -12.79
CA GLY A 116 -7.97 -0.64 -13.11
C GLY A 116 -7.10 0.19 -12.17
N LEU A 117 -7.70 0.72 -11.10
CA LEU A 117 -6.95 1.54 -10.17
C LEU A 117 -5.91 0.73 -9.39
N GLY A 118 -6.29 -0.50 -9.02
CA GLY A 118 -5.38 -1.37 -8.29
C GLY A 118 -4.15 -1.71 -9.11
N ALA A 119 -4.37 -1.99 -10.39
CA ALA A 119 -3.28 -2.30 -11.31
C ALA A 119 -2.33 -1.12 -11.43
N ALA A 120 -2.90 0.08 -11.53
CA ALA A 120 -2.10 1.29 -11.62
C ALA A 120 -1.27 1.51 -10.36
N ALA A 121 -1.89 1.28 -9.21
CA ALA A 121 -1.19 1.43 -7.93
C ALA A 121 0.01 0.49 -7.83
N LEU A 122 -0.19 -0.77 -8.22
CA LEU A 122 0.90 -1.75 -8.17
C LEU A 122 2.04 -1.39 -9.13
N GLN A 123 1.70 -0.88 -10.31
N GLN A 123 1.71 -0.87 -10.31
CA GLN A 123 2.74 -0.46 -11.25
CA GLN A 123 2.73 -0.46 -11.26
C GLN A 123 3.55 0.68 -10.66
C GLN A 123 3.54 0.70 -10.70
N THR A 124 2.87 1.61 -10.01
CA THR A 124 3.53 2.74 -9.38
C THR A 124 4.51 2.30 -8.31
N VAL A 125 4.08 1.36 -7.47
CA VAL A 125 4.96 0.83 -6.43
C VAL A 125 6.16 0.11 -7.07
N LYS A 126 5.91 -0.69 -8.09
CA LYS A 126 6.99 -1.41 -8.76
C LYS A 126 8.00 -0.44 -9.37
N GLN A 127 7.50 0.61 -10.01
CA GLN A 127 8.40 1.64 -10.55
C GLN A 127 9.20 2.30 -9.43
N GLY A 128 8.53 2.60 -8.33
CA GLY A 128 9.19 3.19 -7.18
C GLY A 128 10.33 2.30 -6.68
N CYS A 129 10.05 1.00 -6.61
CA CYS A 129 11.08 0.04 -6.20
C CYS A 129 12.28 0.07 -7.13
N CYS A 130 12.04 0.02 -8.45
CA CYS A 130 13.14 0.03 -9.39
C CYS A 130 13.95 1.31 -9.27
N ASP A 131 13.27 2.43 -9.08
CA ASP A 131 13.94 3.72 -8.90
C ASP A 131 14.83 3.72 -7.66
N LEU A 132 14.45 2.93 -6.66
CA LEU A 132 15.17 2.87 -5.39
C LEU A 132 16.23 1.77 -5.37
N GLY A 133 16.34 1.00 -6.44
CA GLY A 133 17.26 -0.11 -6.49
C GLY A 133 16.82 -1.29 -5.65
N VAL A 134 15.52 -1.34 -5.35
CA VAL A 134 14.93 -2.47 -4.62
C VAL A 134 14.97 -3.71 -5.49
N ARG A 135 15.36 -4.84 -4.91
CA ARG A 135 15.73 -6.02 -5.69
C ARG A 135 14.59 -7.02 -5.90
N ALA A 136 13.54 -6.89 -5.12
CA ALA A 136 12.40 -7.80 -5.20
C ALA A 136 11.21 -7.16 -4.51
N LEU A 137 10.01 -7.57 -4.90
CA LEU A 137 8.78 -7.01 -4.33
C LEU A 137 7.84 -8.16 -4.01
N LEU A 138 7.43 -8.24 -2.75
CA LEU A 138 6.61 -9.35 -2.26
C LEU A 138 5.26 -8.84 -1.75
N VAL A 139 4.29 -9.74 -1.62
CA VAL A 139 3.03 -9.41 -1.00
C VAL A 139 2.44 -10.62 -0.30
N GLU A 140 1.92 -10.41 0.90
CA GLU A 140 1.20 -11.45 1.63
C GLU A 140 -0.26 -11.43 1.24
N THR A 141 -0.84 -12.61 1.01
CA THR A 141 -2.25 -12.71 0.67
C THR A 141 -2.90 -13.88 1.42
N GLY A 150 -5.48 -12.20 -8.38
CA GLY A 150 -6.01 -11.72 -9.64
C GLY A 150 -5.34 -10.43 -10.08
N VAL A 151 -5.55 -9.37 -9.31
CA VAL A 151 -4.88 -8.11 -9.55
C VAL A 151 -3.38 -8.28 -9.38
N TYR A 152 -2.99 -9.06 -8.36
CA TYR A 152 -1.58 -9.31 -8.10
C TYR A 152 -0.92 -10.11 -9.22
N SER A 153 -1.61 -11.14 -9.71
CA SER A 153 -1.06 -11.97 -10.77
C SER A 153 -0.74 -11.14 -12.00
N ARG A 154 -1.66 -10.27 -12.39
CA ARG A 154 -1.48 -9.44 -13.58
C ARG A 154 -0.40 -8.38 -13.39
N ALA A 155 -0.04 -8.11 -12.13
CA ALA A 155 1.01 -7.16 -11.82
C ALA A 155 2.37 -7.85 -11.75
N GLY A 156 2.39 -9.15 -12.04
CA GLY A 156 3.62 -9.90 -12.10
C GLY A 156 3.98 -10.65 -10.82
N PHE A 157 3.06 -10.64 -9.85
CA PHE A 157 3.26 -11.40 -8.63
C PHE A 157 2.83 -12.84 -8.85
N GLU A 158 3.75 -13.78 -8.65
N GLU A 158 3.75 -13.78 -8.61
CA GLU A 158 3.43 -15.20 -8.72
CA GLU A 158 3.43 -15.19 -8.73
C GLU A 158 3.76 -15.88 -7.40
C GLU A 158 3.79 -15.90 -7.43
N GLU A 159 3.16 -17.05 -7.17
CA GLU A 159 3.39 -17.78 -5.94
C GLU A 159 4.86 -18.14 -5.81
N SER A 160 5.41 -17.91 -4.61
CA SER A 160 6.83 -18.14 -4.36
C SER A 160 7.12 -19.60 -4.02
N GLY A 161 6.11 -20.29 -3.49
CA GLY A 161 6.28 -21.68 -3.10
C GLY A 161 6.94 -21.86 -1.75
N ARG A 162 7.07 -20.76 -1.00
CA ARG A 162 7.73 -20.81 0.30
C ARG A 162 6.74 -20.70 1.46
N LEU A 164 5.43 -19.67 4.88
CA LEU A 164 5.71 -18.57 5.77
C LEU A 164 5.31 -18.91 7.20
N LEU A 165 6.27 -18.82 8.12
CA LEU A 165 6.00 -19.07 9.52
C LEU A 165 6.14 -17.77 10.27
N GLY A 166 5.49 -17.69 11.43
CA GLY A 166 5.60 -16.48 12.20
C GLY A 166 5.11 -16.63 13.62
N GLN A 167 5.47 -15.66 14.44
CA GLN A 167 4.88 -15.54 15.76
C GLN A 167 4.82 -14.07 16.13
N ALA A 168 3.70 -13.66 16.71
CA ALA A 168 3.54 -12.29 17.16
C ALA A 168 4.25 -12.12 18.50
N LEU A 169 4.89 -10.97 18.69
CA LEU A 169 5.52 -10.65 19.97
C LEU A 169 4.73 -9.56 20.69
N ALA A 170 3.69 -9.08 20.02
CA ALA A 170 2.85 -8.01 20.56
C ALA A 170 1.51 -8.08 19.84
N PRO A 171 0.48 -7.43 20.39
CA PRO A 171 -0.82 -7.41 19.72
C PRO A 171 -0.73 -6.66 18.39
N PRO A 172 -1.51 -7.10 17.41
CA PRO A 172 -1.61 -6.36 16.16
C PRO A 172 -2.31 -5.01 16.38
N ILE A 173 -2.26 -4.15 15.38
CA ILE A 173 -2.70 -2.77 15.49
C ILE A 173 -4.18 -2.63 15.86
N HIS A 174 -5.00 -3.60 15.47
CA HIS A 174 -6.44 -3.49 15.74
C HIS A 174 -6.78 -4.01 17.12
N GLU A 175 -5.75 -4.15 17.95
CA GLU A 175 -5.92 -4.51 19.35
C GLU A 175 -5.10 -3.57 20.23
#